data_7G98
#
_entry.id   7G98
#
_cell.length_a   70.804
_cell.length_b   70.804
_cell.length_c   196.255
_cell.angle_alpha   90.000
_cell.angle_beta   90.000
_cell.angle_gamma   90.000
#
_symmetry.space_group_name_H-M   'P 43 21 2'
#
loop_
_entity.id
_entity.type
_entity.pdbx_description
1 polymer 'Transforming protein RhoA'
2 polymer 'Rho guanine nucleotide exchange factor 2'
3 non-polymer 'DIMETHYL SULFOXIDE'
4 non-polymer 'FORMIC ACID'
5 non-polymer 1,3-dimethylimidazolidine
6 water water
#
loop_
_entity_poly.entity_id
_entity_poly.type
_entity_poly.pdbx_seq_one_letter_code
_entity_poly.pdbx_strand_id
1 'polypeptide(L)'
;SMAAIRKKLVIVGDGACGKTCLLIVFSKDQFPEVYVPTVFENYVADIEVDGKQVELALWDTAGQEDYDRLRPLSYPDTDV
ILMCFSIDSPDSLENIPEKWTPEVKHFCPNVPIILVGNKKDLRNDEHTRRELAKMKQEPVKPEEGRDMANRIGAFGYMEC
SAKTKDGVREVFEMATRAALQARRG
;
A
2 'polypeptide(L)'
;SMEMDEKDFAADSWSLAVDSSFLQQHKKEVMKQQDVIYELIQTELHHVRTLKIMTRLFRTGMLEELHLEPGVVQGLFPCV
DELSDIHTRFLSQLLERRRQALCPGSTRNFVIHRLGDLLISQFSGPSAEQMCKTYSEFCSRHSKALKLYKELYARDKRFQ
QFIRKVTRPAVLKRHGVQECILLVTQRITKYPLLISRILQHSHGIEEERQDLTTALGLVKELLSNVDEGIYQLEKGARLQ
EIYNR
;
B
#
loop_
_chem_comp.id
_chem_comp.type
_chem_comp.name
_chem_comp.formula
DMS non-polymer 'DIMETHYL SULFOXIDE' 'C2 H6 O S'
FMT non-polymer 'FORMIC ACID' 'C H2 O2'
ZDL non-polymer 1,3-dimethylimidazolidine 'C5 H12 N2'
#
# COMPACT_ATOMS: atom_id res chain seq x y z
N ALA A 4 -10.39 5.44 -20.95
CA ALA A 4 -11.42 6.00 -20.05
C ALA A 4 -10.82 6.92 -18.98
N ILE A 5 -11.55 8.00 -18.62
CA ILE A 5 -11.11 9.00 -17.65
C ILE A 5 -10.59 8.36 -16.34
N ARG A 6 -9.35 8.68 -15.95
CA ARG A 6 -8.76 8.12 -14.74
C ARG A 6 -8.98 9.08 -13.58
N LYS A 7 -9.40 8.55 -12.45
CA LYS A 7 -9.61 9.32 -11.23
C LYS A 7 -8.84 8.64 -10.10
N LYS A 8 -8.20 9.43 -9.24
CA LYS A 8 -7.41 8.89 -8.14
C LYS A 8 -8.20 8.97 -6.86
N LEU A 9 -8.19 7.90 -6.08
CA LEU A 9 -8.83 7.81 -4.77
C LEU A 9 -7.78 7.59 -3.71
N VAL A 10 -7.90 8.28 -2.57
CA VAL A 10 -7.01 8.06 -1.42
C VAL A 10 -7.90 7.84 -0.22
N ILE A 11 -7.60 6.84 0.62
CA ILE A 11 -8.37 6.63 1.84
C ILE A 11 -7.51 7.01 3.03
N VAL A 12 -8.09 7.80 3.95
CA VAL A 12 -7.43 8.26 5.16
C VAL A 12 -8.22 7.84 6.41
N GLY A 13 -7.62 7.97 7.59
CA GLY A 13 -8.21 7.55 8.86
C GLY A 13 -7.29 6.67 9.67
N ASP A 14 -7.59 6.48 10.94
CA ASP A 14 -6.79 5.64 11.83
C ASP A 14 -6.85 4.16 11.43
N GLY A 15 -5.84 3.39 11.84
CA GLY A 15 -5.77 1.96 11.52
C GLY A 15 -6.94 1.14 12.02
N ALA A 16 -7.61 1.64 13.09
CA ALA A 16 -8.77 1.04 13.74
C ALA A 16 -9.91 0.70 12.77
N CYS A 17 -10.29 1.66 11.90
CA CYS A 17 -11.39 1.55 10.95
C CYS A 17 -11.29 0.38 9.95
N GLY A 18 -10.10 0.09 9.44
CA GLY A 18 -9.93 -0.99 8.48
C GLY A 18 -9.93 -0.48 7.04
N LYS A 19 -8.98 0.42 6.74
CA LYS A 19 -8.89 1.00 5.40
C LYS A 19 -8.46 -0.07 4.42
N THR A 20 -7.40 -0.83 4.78
CA THR A 20 -6.84 -1.89 3.96
C THR A 20 -7.88 -2.95 3.67
N CYS A 21 -8.67 -3.31 4.69
CA CYS A 21 -9.74 -4.29 4.57
C CYS A 21 -10.84 -3.84 3.60
N LEU A 22 -11.25 -2.57 3.67
CA LEU A 22 -12.28 -2.05 2.77
C LEU A 22 -11.77 -2.00 1.31
N LEU A 23 -10.50 -1.65 1.11
CA LEU A 23 -9.94 -1.54 -0.23
C LEU A 23 -9.76 -2.89 -0.89
N ILE A 24 -9.36 -3.90 -0.10
CA ILE A 24 -9.12 -5.28 -0.53
C ILE A 24 -10.43 -6.01 -0.84
N VAL A 25 -11.42 -5.86 0.03
CA VAL A 25 -12.77 -6.44 -0.15
C VAL A 25 -13.41 -5.93 -1.44
N PHE A 26 -13.25 -4.63 -1.72
CA PHE A 26 -13.80 -4.04 -2.92
C PHE A 26 -13.08 -4.48 -4.18
N SER A 27 -11.74 -4.42 -4.21
CA SER A 27 -10.96 -4.81 -5.38
C SER A 27 -11.10 -6.31 -5.71
N LYS A 28 -11.16 -7.15 -4.68
CA LYS A 28 -11.36 -8.58 -4.86
C LYS A 28 -12.84 -8.91 -5.15
N ASP A 29 -13.77 -8.08 -4.66
CA ASP A 29 -15.22 -8.22 -4.81
C ASP A 29 -15.73 -9.51 -4.17
N GLN A 30 -15.12 -9.87 -3.03
CA GLN A 30 -15.43 -11.04 -2.19
C GLN A 30 -14.62 -10.93 -0.89
N PHE A 31 -15.22 -11.33 0.26
CA PHE A 31 -14.49 -11.27 1.52
C PHE A 31 -13.38 -12.33 1.48
N PRO A 32 -12.10 -11.92 1.64
CA PRO A 32 -10.98 -12.89 1.53
C PRO A 32 -11.17 -14.19 2.32
N GLU A 33 -11.28 -15.30 1.58
CA GLU A 33 -11.54 -16.59 2.20
C GLU A 33 -10.31 -17.17 2.94
N VAL A 34 -9.27 -17.65 2.23
CA VAL A 34 -8.11 -18.29 2.87
C VAL A 34 -7.14 -17.31 3.53
N TYR A 35 -6.82 -16.18 2.87
CA TYR A 35 -5.88 -15.23 3.44
C TYR A 35 -6.28 -13.80 3.22
N VAL A 36 -6.22 -12.99 4.28
CA VAL A 36 -6.52 -11.56 4.22
C VAL A 36 -5.18 -10.86 4.17
N PRO A 37 -4.86 -10.18 3.06
CA PRO A 37 -3.55 -9.53 2.92
C PRO A 37 -3.29 -8.35 3.85
N THR A 38 -2.17 -8.44 4.57
CA THR A 38 -1.62 -7.45 5.50
C THR A 38 -1.54 -6.07 4.83
N VAL A 39 -0.98 -6.00 3.61
CA VAL A 39 -0.79 -4.75 2.92
C VAL A 39 -1.59 -4.67 1.60
N PHE A 40 -1.76 -3.44 1.09
CA PHE A 40 -2.40 -3.13 -0.19
C PHE A 40 -1.39 -2.28 -1.01
N GLU A 41 -1.19 -2.62 -2.30
CA GLU A 41 -0.26 -1.86 -3.13
C GLU A 41 -1.02 -0.64 -3.73
N ASN A 42 -1.74 -0.87 -4.83
CA ASN A 42 -2.61 0.06 -5.55
C ASN A 42 -3.52 -0.79 -6.42
N TYR A 43 -4.49 -0.18 -7.09
CA TYR A 43 -5.42 -0.89 -7.92
C TYR A 43 -6.10 0.06 -8.87
N VAL A 44 -6.54 -0.41 -10.03
CA VAL A 44 -7.23 0.44 -11.00
C VAL A 44 -8.50 -0.30 -11.37
N ALA A 45 -9.63 0.09 -10.74
CA ALA A 45 -10.92 -0.56 -10.98
C ALA A 45 -11.82 0.18 -11.98
N ASP A 46 -12.21 -0.49 -13.08
CA ASP A 46 -13.12 0.13 -14.06
C ASP A 46 -14.54 0.07 -13.50
N ILE A 47 -15.15 1.24 -13.30
CA ILE A 47 -16.49 1.33 -12.76
C ILE A 47 -17.39 2.04 -13.78
N GLU A 48 -18.63 1.55 -14.00
CA GLU A 48 -19.57 2.28 -14.84
C GLU A 48 -20.61 2.83 -13.88
N VAL A 49 -20.58 4.14 -13.64
CA VAL A 49 -21.53 4.75 -12.73
C VAL A 49 -22.35 5.80 -13.47
N ASP A 50 -23.65 5.49 -13.68
CA ASP A 50 -24.61 6.35 -14.39
C ASP A 50 -24.23 6.53 -15.85
N GLY A 51 -23.81 5.43 -16.48
CA GLY A 51 -23.41 5.40 -17.88
C GLY A 51 -22.01 5.92 -18.15
N LYS A 52 -21.22 6.22 -17.08
CA LYS A 52 -19.89 6.77 -17.27
C LYS A 52 -18.77 5.77 -16.97
N GLN A 53 -18.00 5.42 -18.01
CA GLN A 53 -16.86 4.52 -17.92
C GLN A 53 -15.68 5.29 -17.28
N VAL A 54 -15.32 4.94 -16.03
CA VAL A 54 -14.25 5.60 -15.30
C VAL A 54 -13.24 4.57 -14.75
N GLU A 55 -11.92 4.83 -14.89
CA GLU A 55 -10.82 4.03 -14.34
C GLU A 55 -10.58 4.61 -12.94
N LEU A 56 -10.85 3.87 -11.87
CA LEU A 56 -10.65 4.40 -10.52
C LEU A 56 -9.42 3.82 -9.79
N ALA A 57 -8.34 4.62 -9.70
CA ALA A 57 -7.10 4.25 -9.03
C ALA A 57 -7.27 4.29 -7.50
N LEU A 58 -7.10 3.16 -6.81
CA LEU A 58 -7.30 3.05 -5.37
C LEU A 58 -5.99 3.05 -4.57
N TRP A 59 -5.85 4.00 -3.63
CA TRP A 59 -4.63 4.10 -2.82
C TRP A 59 -4.93 4.13 -1.34
N ASP A 60 -4.10 3.46 -0.58
CA ASP A 60 -4.19 3.38 0.87
C ASP A 60 -3.13 4.29 1.51
N THR A 61 -3.42 4.78 2.72
CA THR A 61 -2.44 5.54 3.49
C THR A 61 -1.96 4.77 4.72
N ALA A 62 -2.24 3.46 4.83
CA ALA A 62 -1.82 2.63 5.94
C ALA A 62 -0.29 2.57 6.04
N GLY A 63 0.19 2.58 7.28
CA GLY A 63 1.62 2.61 7.57
C GLY A 63 2.16 4.02 7.67
N GLN A 64 1.56 4.96 6.91
CA GLN A 64 2.01 6.35 6.88
C GLN A 64 1.53 7.20 8.07
N GLU A 65 0.70 6.64 8.96
CA GLU A 65 0.14 7.34 10.13
C GLU A 65 1.13 8.08 11.01
N ASP A 66 2.30 7.49 11.27
CA ASP A 66 3.29 8.14 12.14
C ASP A 66 4.27 9.06 11.38
N TYR A 67 4.19 9.11 10.05
CA TYR A 67 5.17 9.85 9.27
C TYR A 67 4.53 11.00 8.53
N ASP A 68 4.50 12.16 9.20
CA ASP A 68 3.84 13.40 8.78
C ASP A 68 4.54 14.14 7.62
N ARG A 69 5.77 13.77 7.27
CA ARG A 69 6.44 14.37 6.11
C ARG A 69 6.35 13.44 4.86
N LEU A 70 6.23 12.12 5.11
CA LEU A 70 6.11 11.08 4.10
C LEU A 70 4.67 10.90 3.62
N ARG A 71 3.69 11.09 4.51
CA ARG A 71 2.28 10.89 4.20
C ARG A 71 1.72 11.85 3.13
N PRO A 72 2.01 13.18 3.20
CA PRO A 72 1.47 14.10 2.19
C PRO A 72 1.87 13.83 0.75
N LEU A 73 2.91 13.00 0.53
CA LEU A 73 3.36 12.61 -0.82
C LEU A 73 2.34 11.69 -1.52
N SER A 74 1.36 11.13 -0.76
CA SER A 74 0.28 10.30 -1.30
C SER A 74 -0.84 11.16 -1.90
N TYR A 75 -0.98 12.41 -1.45
CA TYR A 75 -2.06 13.29 -1.85
C TYR A 75 -2.03 13.87 -3.28
N PRO A 76 -0.89 14.16 -3.95
CA PRO A 76 -0.97 14.81 -5.27
C PRO A 76 -1.99 14.26 -6.26
N ASP A 77 -2.81 15.18 -6.82
CA ASP A 77 -3.81 14.95 -7.86
C ASP A 77 -5.01 14.11 -7.43
N THR A 78 -5.22 13.90 -6.10
CA THR A 78 -6.38 13.14 -5.61
C THR A 78 -7.69 13.77 -6.08
N ASP A 79 -8.62 12.96 -6.59
CA ASP A 79 -9.91 13.47 -7.05
C ASP A 79 -11.04 13.23 -6.05
N VAL A 80 -10.84 12.32 -5.07
CA VAL A 80 -11.82 11.99 -4.03
C VAL A 80 -11.09 11.43 -2.82
N ILE A 81 -11.48 11.87 -1.62
CA ILE A 81 -10.87 11.36 -0.38
C ILE A 81 -11.89 10.55 0.40
N LEU A 82 -11.58 9.27 0.72
CA LEU A 82 -12.47 8.52 1.58
C LEU A 82 -11.96 8.73 3.00
N MET A 83 -12.76 9.37 3.86
CA MET A 83 -12.36 9.61 5.22
C MET A 83 -12.98 8.56 6.14
N CYS A 84 -12.25 7.50 6.37
CA CYS A 84 -12.67 6.35 7.10
C CYS A 84 -12.63 6.47 8.63
N PHE A 85 -13.64 5.90 9.29
CA PHE A 85 -13.71 5.79 10.74
C PHE A 85 -14.40 4.47 11.17
N SER A 86 -14.23 4.06 12.44
CA SER A 86 -14.80 2.82 12.95
C SER A 86 -16.00 3.05 13.84
N ILE A 87 -17.09 2.30 13.62
CA ILE A 87 -18.30 2.42 14.43
C ILE A 87 -18.10 1.82 15.85
N ASP A 88 -17.13 0.91 16.01
CA ASP A 88 -16.77 0.37 17.32
C ASP A 88 -15.67 1.22 18.02
N SER A 89 -15.23 2.34 17.40
CA SER A 89 -14.19 3.18 17.96
C SER A 89 -14.56 4.66 17.88
N PRO A 90 -15.34 5.14 18.87
CA PRO A 90 -15.68 6.57 18.91
C PRO A 90 -14.47 7.50 19.07
N ASP A 91 -13.33 6.97 19.49
CA ASP A 91 -12.09 7.73 19.62
C ASP A 91 -11.56 8.05 18.21
N SER A 92 -11.69 7.08 17.25
CA SER A 92 -11.28 7.30 15.86
C SER A 92 -12.11 8.39 15.18
N LEU A 93 -13.39 8.53 15.58
CA LEU A 93 -14.25 9.59 15.06
C LEU A 93 -13.79 10.95 15.59
N GLU A 94 -13.34 11.01 16.85
CA GLU A 94 -12.83 12.25 17.45
C GLU A 94 -11.58 12.79 16.73
N ASN A 95 -10.84 11.91 16.02
CA ASN A 95 -9.66 12.32 15.26
C ASN A 95 -10.00 12.93 13.89
N ILE A 96 -11.22 12.69 13.39
CA ILE A 96 -11.66 13.20 12.11
C ILE A 96 -11.59 14.72 12.06
N PRO A 97 -12.18 15.47 13.01
CA PRO A 97 -12.12 16.93 12.92
C PRO A 97 -10.81 17.58 13.38
N GLU A 98 -10.12 16.94 14.35
CA GLU A 98 -8.92 17.55 14.91
C GLU A 98 -7.64 17.10 14.22
N LYS A 99 -7.58 15.90 13.64
CA LYS A 99 -6.36 15.45 12.96
C LYS A 99 -6.44 15.34 11.43
N TRP A 100 -7.36 14.54 10.88
CA TRP A 100 -7.38 14.25 9.44
C TRP A 100 -8.02 15.30 8.54
N THR A 101 -9.02 16.01 9.01
CA THR A 101 -9.67 17.06 8.23
C THR A 101 -8.71 18.25 7.98
N PRO A 102 -7.98 18.77 8.99
CA PRO A 102 -7.07 19.91 8.72
C PRO A 102 -5.95 19.56 7.75
N GLU A 103 -5.43 18.34 7.86
CA GLU A 103 -4.39 17.88 6.97
C GLU A 103 -4.93 17.72 5.55
N VAL A 104 -6.07 17.02 5.38
CA VAL A 104 -6.67 16.79 4.07
C VAL A 104 -7.05 18.10 3.37
N LYS A 105 -7.64 19.05 4.10
CA LYS A 105 -8.02 20.33 3.48
C LYS A 105 -6.81 21.21 3.17
N HIS A 106 -5.67 20.99 3.87
CA HIS A 106 -4.45 21.75 3.67
C HIS A 106 -3.86 21.46 2.31
N PHE A 107 -3.62 20.16 2.03
CA PHE A 107 -3.04 19.71 0.77
C PHE A 107 -4.06 19.67 -0.36
N CYS A 108 -5.32 19.38 -0.06
CA CYS A 108 -6.37 19.26 -1.07
C CYS A 108 -7.63 20.02 -0.60
N PRO A 109 -7.69 21.34 -0.85
CA PRO A 109 -8.80 22.14 -0.32
C PRO A 109 -10.17 21.98 -0.97
N ASN A 110 -10.24 21.64 -2.28
CA ASN A 110 -11.53 21.48 -2.95
C ASN A 110 -11.76 20.05 -3.46
N VAL A 111 -11.25 19.06 -2.71
CA VAL A 111 -11.41 17.64 -3.03
C VAL A 111 -12.55 17.08 -2.20
N PRO A 112 -13.57 16.49 -2.86
CA PRO A 112 -14.69 15.91 -2.11
C PRO A 112 -14.27 14.86 -1.09
N ILE A 113 -14.70 15.03 0.13
CA ILE A 113 -14.40 14.09 1.21
C ILE A 113 -15.67 13.29 1.48
N ILE A 114 -15.58 11.96 1.61
CA ILE A 114 -16.75 11.15 1.92
C ILE A 114 -16.52 10.44 3.24
N LEU A 115 -17.14 10.93 4.32
CA LEU A 115 -16.99 10.33 5.63
C LEU A 115 -17.67 8.96 5.67
N VAL A 116 -16.84 7.91 5.72
CA VAL A 116 -17.28 6.51 5.69
C VAL A 116 -17.14 5.84 7.07
N GLY A 117 -18.28 5.49 7.65
CA GLY A 117 -18.34 4.81 8.93
C GLY A 117 -18.33 3.32 8.71
N ASN A 118 -17.12 2.73 8.74
CA ASN A 118 -16.94 1.29 8.52
C ASN A 118 -17.14 0.49 9.81
N LYS A 119 -17.45 -0.82 9.68
CA LYS A 119 -17.68 -1.78 10.75
C LYS A 119 -19.05 -1.63 11.37
N LYS A 120 -20.06 -1.37 10.54
CA LYS A 120 -21.44 -1.15 11.01
C LYS A 120 -22.06 -2.40 11.63
N ASP A 121 -21.59 -3.59 11.24
CA ASP A 121 -22.09 -4.87 11.77
C ASP A 121 -21.87 -4.98 13.28
N LEU A 122 -20.73 -4.44 13.76
CA LEU A 122 -20.38 -4.43 15.18
C LEU A 122 -21.35 -3.63 16.05
N ARG A 123 -22.32 -2.91 15.44
CA ARG A 123 -23.35 -2.21 16.18
C ARG A 123 -24.20 -3.24 16.96
N ASN A 124 -24.42 -4.46 16.41
CA ASN A 124 -25.17 -5.50 17.11
C ASN A 124 -24.28 -6.69 17.49
N ASP A 125 -23.03 -6.41 17.85
CA ASP A 125 -22.05 -7.39 18.29
C ASP A 125 -21.90 -7.09 19.77
N GLU A 126 -22.33 -8.02 20.65
CA GLU A 126 -22.34 -7.74 22.08
C GLU A 126 -20.94 -7.75 22.72
N HIS A 127 -19.90 -8.24 22.03
CA HIS A 127 -18.54 -8.17 22.56
C HIS A 127 -17.99 -6.74 22.47
N THR A 128 -18.45 -5.96 21.48
CA THR A 128 -18.06 -4.57 21.26
C THR A 128 -18.83 -3.66 22.22
N ARG A 129 -20.14 -3.92 22.40
CA ARG A 129 -20.96 -3.14 23.33
C ARG A 129 -20.44 -3.30 24.76
N ARG A 130 -20.02 -4.52 25.12
CA ARG A 130 -19.47 -4.88 26.40
C ARG A 130 -18.13 -4.16 26.66
N GLU A 131 -17.21 -4.16 25.69
CA GLU A 131 -15.90 -3.53 25.84
C GLU A 131 -16.00 -2.02 25.90
N LEU A 132 -16.88 -1.45 25.07
CA LEU A 132 -17.08 -0.01 25.07
C LEU A 132 -17.70 0.47 26.38
N ALA A 133 -18.52 -0.36 27.05
CA ALA A 133 -19.12 -0.02 28.35
C ALA A 133 -18.07 0.24 29.43
N LYS A 134 -16.92 -0.45 29.33
CA LYS A 134 -15.79 -0.31 30.27
C LYS A 134 -15.13 1.07 30.11
N MET A 135 -15.07 1.58 28.86
CA MET A 135 -14.50 2.88 28.54
C MET A 135 -15.51 4.04 28.65
N LYS A 136 -16.70 3.81 29.30
CA LYS A 136 -17.81 4.78 29.44
C LYS A 136 -18.25 5.23 28.04
N GLN A 137 -18.38 4.26 27.11
CA GLN A 137 -18.69 4.51 25.69
C GLN A 137 -19.64 3.45 25.08
N GLU A 138 -20.11 3.71 23.85
CA GLU A 138 -20.98 2.80 23.10
C GLU A 138 -20.75 2.96 21.58
N PRO A 139 -21.17 1.99 20.74
CA PRO A 139 -20.96 2.14 19.28
C PRO A 139 -21.51 3.44 18.70
N VAL A 140 -20.82 3.95 17.66
CA VAL A 140 -21.18 5.18 16.96
C VAL A 140 -22.59 5.11 16.37
N LYS A 141 -23.51 5.96 16.85
CA LYS A 141 -24.89 6.00 16.35
C LYS A 141 -24.92 6.63 14.95
N PRO A 142 -25.90 6.25 14.10
CA PRO A 142 -25.94 6.80 12.73
C PRO A 142 -26.03 8.31 12.68
N GLU A 143 -26.73 8.90 13.67
CA GLU A 143 -26.92 10.34 13.79
C GLU A 143 -25.64 11.06 14.21
N GLU A 144 -24.66 10.38 14.80
CA GLU A 144 -23.39 11.02 15.18
C GLU A 144 -22.49 11.11 13.95
N GLY A 145 -22.42 10.04 13.16
CA GLY A 145 -21.63 10.02 11.93
C GLY A 145 -22.14 11.06 10.94
N ARG A 146 -23.47 11.32 10.92
CA ARG A 146 -24.05 12.32 10.03
C ARG A 146 -23.73 13.71 10.57
N ASP A 147 -23.81 13.91 11.89
CA ASP A 147 -23.49 15.18 12.52
C ASP A 147 -22.03 15.54 12.25
N MET A 148 -21.12 14.56 12.33
CA MET A 148 -19.71 14.80 12.05
C MET A 148 -19.48 15.20 10.61
N ALA A 149 -20.06 14.45 9.64
CA ALA A 149 -19.91 14.76 8.22
C ALA A 149 -20.39 16.16 7.89
N ASN A 150 -21.43 16.62 8.60
CA ASN A 150 -22.04 17.93 8.45
C ASN A 150 -21.11 19.00 9.00
N ARG A 151 -20.50 18.74 10.16
CA ARG A 151 -19.59 19.66 10.82
C ARG A 151 -18.30 19.83 9.99
N ILE A 152 -17.67 18.71 9.55
CA ILE A 152 -16.47 18.72 8.70
C ILE A 152 -16.71 19.21 7.26
N GLY A 153 -17.97 19.40 6.87
CA GLY A 153 -18.31 19.85 5.53
C GLY A 153 -17.94 18.84 4.47
N ALA A 154 -18.35 17.59 4.66
CA ALA A 154 -18.05 16.52 3.72
C ALA A 154 -19.07 16.53 2.59
N PHE A 155 -18.71 15.95 1.43
CA PHE A 155 -19.67 15.83 0.32
C PHE A 155 -20.84 14.92 0.75
N GLY A 156 -20.54 13.87 1.53
CA GLY A 156 -21.57 12.96 2.02
C GLY A 156 -21.11 12.08 3.16
N TYR A 157 -22.08 11.39 3.82
CA TYR A 157 -21.83 10.42 4.88
C TYR A 157 -22.32 9.07 4.42
N MET A 158 -21.47 8.05 4.52
CA MET A 158 -21.82 6.69 4.11
C MET A 158 -21.42 5.66 5.17
N GLU A 159 -22.12 4.52 5.22
CA GLU A 159 -21.83 3.46 6.18
C GLU A 159 -21.70 2.12 5.47
N CYS A 160 -20.78 1.27 5.94
CA CYS A 160 -20.58 -0.04 5.32
C CYS A 160 -19.96 -1.08 6.26
N SER A 161 -19.96 -2.34 5.85
CA SER A 161 -19.36 -3.41 6.61
C SER A 161 -18.34 -4.12 5.74
N ALA A 162 -17.04 -3.95 6.01
CA ALA A 162 -16.01 -4.63 5.21
C ALA A 162 -16.10 -6.17 5.41
N LYS A 163 -16.53 -6.64 6.61
CA LYS A 163 -16.68 -8.04 6.95
C LYS A 163 -17.79 -8.72 6.15
N THR A 164 -18.91 -8.02 5.93
CA THR A 164 -20.04 -8.58 5.18
C THR A 164 -20.25 -8.00 3.79
N LYS A 165 -19.33 -7.15 3.30
CA LYS A 165 -19.40 -6.51 1.99
C LYS A 165 -20.63 -5.56 1.81
N ASP A 166 -21.52 -5.45 2.81
CA ASP A 166 -22.72 -4.61 2.74
C ASP A 166 -22.44 -3.08 2.70
N GLY A 167 -22.67 -2.47 1.55
CA GLY A 167 -22.47 -1.04 1.40
C GLY A 167 -21.18 -0.66 0.70
N VAL A 168 -20.19 -1.57 0.73
CA VAL A 168 -18.87 -1.37 0.14
C VAL A 168 -18.92 -0.87 -1.31
N ARG A 169 -19.68 -1.54 -2.20
CA ARG A 169 -19.81 -1.14 -3.59
C ARG A 169 -20.45 0.25 -3.77
N GLU A 170 -21.47 0.55 -2.97
CA GLU A 170 -22.15 1.84 -3.00
C GLU A 170 -21.22 3.00 -2.61
N VAL A 171 -20.24 2.74 -1.74
CA VAL A 171 -19.27 3.75 -1.34
C VAL A 171 -18.38 4.09 -2.52
N PHE A 172 -17.87 3.07 -3.22
CA PHE A 172 -16.98 3.31 -4.34
C PHE A 172 -17.68 3.86 -5.58
N GLU A 173 -19.00 3.66 -5.71
CA GLU A 173 -19.74 4.26 -6.81
C GLU A 173 -20.01 5.73 -6.49
N MET A 174 -20.29 6.05 -5.21
CA MET A 174 -20.48 7.44 -4.81
C MET A 174 -19.16 8.19 -4.85
N ALA A 175 -18.04 7.53 -4.52
CA ALA A 175 -16.70 8.09 -4.62
C ALA A 175 -16.43 8.53 -6.09
N THR A 176 -16.87 7.72 -7.04
CA THR A 176 -16.75 7.95 -8.48
C THR A 176 -17.62 9.11 -8.89
N ARG A 177 -18.83 9.24 -8.28
CA ARG A 177 -19.71 10.37 -8.61
C ARG A 177 -19.07 11.64 -8.13
N ALA A 178 -18.55 11.63 -6.89
CA ALA A 178 -17.87 12.76 -6.25
C ALA A 178 -16.64 13.19 -7.04
N ALA A 179 -15.83 12.23 -7.52
CA ALA A 179 -14.64 12.57 -8.28
C ALA A 179 -14.96 13.25 -9.61
N LEU A 180 -15.96 12.76 -10.33
CA LEU A 180 -16.35 13.26 -11.64
C LEU A 180 -16.81 14.71 -11.66
N GLN A 181 -17.37 15.22 -10.54
CA GLN A 181 -17.86 16.59 -10.49
C GLN A 181 -16.71 17.64 -10.48
N SER B 1 9.87 -9.64 -15.23
CA SER B 1 10.32 -10.60 -14.23
C SER B 1 10.48 -12.02 -14.78
N MET B 2 11.36 -12.83 -14.13
CA MET B 2 11.67 -14.17 -14.54
C MET B 2 10.54 -15.12 -14.26
N GLU B 3 10.09 -15.83 -15.32
CA GLU B 3 8.98 -16.79 -15.33
C GLU B 3 8.95 -17.71 -14.10
N MET B 4 10.12 -18.16 -13.66
CA MET B 4 10.30 -19.06 -12.51
C MET B 4 9.77 -18.45 -11.24
N ASP B 5 10.20 -17.21 -10.93
CA ASP B 5 9.82 -16.49 -9.72
C ASP B 5 8.37 -15.98 -9.73
N GLU B 6 7.84 -15.60 -10.92
CA GLU B 6 6.43 -15.19 -11.00
C GLU B 6 5.55 -16.39 -10.67
N LYS B 7 5.88 -17.58 -11.23
CA LYS B 7 5.15 -18.80 -11.01
C LYS B 7 5.20 -19.22 -9.55
N ASP B 8 6.38 -19.07 -8.90
CA ASP B 8 6.57 -19.40 -7.49
C ASP B 8 5.68 -18.51 -6.58
N PHE B 9 5.50 -17.22 -6.91
CA PHE B 9 4.65 -16.33 -6.11
C PHE B 9 3.34 -15.95 -6.78
N ALA B 10 2.84 -16.82 -7.66
CA ALA B 10 1.59 -16.59 -8.36
C ALA B 10 0.36 -16.83 -7.49
N ALA B 11 0.49 -17.63 -6.43
CA ALA B 11 -0.63 -17.94 -5.53
C ALA B 11 -0.97 -16.78 -4.65
N ASP B 12 -2.22 -16.73 -4.19
CA ASP B 12 -2.69 -15.64 -3.36
C ASP B 12 -2.26 -15.80 -1.88
N SER B 13 -1.71 -16.97 -1.48
CA SER B 13 -1.18 -17.22 -0.13
C SER B 13 -0.22 -18.40 -0.08
N TRP B 14 0.56 -18.55 1.03
CA TRP B 14 1.49 -19.66 1.19
C TRP B 14 0.71 -20.97 1.25
N SER B 15 -0.46 -20.97 1.93
CA SER B 15 -1.34 -22.14 2.05
C SER B 15 -1.87 -22.64 0.69
N LEU B 16 -1.95 -21.74 -0.30
CA LEU B 16 -2.36 -22.06 -1.67
C LEU B 16 -1.15 -22.49 -2.51
N ALA B 17 -0.02 -21.81 -2.31
CA ALA B 17 1.23 -22.05 -3.02
C ALA B 17 1.84 -23.44 -2.79
N VAL B 18 1.86 -23.91 -1.53
CA VAL B 18 2.41 -25.24 -1.24
C VAL B 18 1.41 -26.32 -1.65
N ASP B 19 1.86 -27.58 -1.74
CA ASP B 19 0.98 -28.71 -2.07
C ASP B 19 -0.01 -28.88 -0.92
N SER B 20 -1.27 -29.14 -1.24
CA SER B 20 -2.35 -29.37 -0.27
C SER B 20 -2.02 -30.48 0.76
N SER B 21 -1.28 -31.52 0.32
CA SER B 21 -0.86 -32.65 1.15
C SER B 21 0.21 -32.24 2.14
N PHE B 22 1.10 -31.32 1.73
CA PHE B 22 2.19 -30.75 2.52
C PHE B 22 1.64 -29.83 3.60
N LEU B 23 0.65 -29.01 3.23
CA LEU B 23 -0.03 -28.09 4.11
C LEU B 23 -0.71 -28.86 5.25
N GLN B 24 -1.34 -30.01 4.93
CA GLN B 24 -2.03 -30.89 5.89
C GLN B 24 -1.14 -31.28 7.08
N GLN B 25 0.18 -31.34 6.88
CA GLN B 25 1.11 -31.71 7.95
C GLN B 25 1.59 -30.52 8.78
N HIS B 26 0.85 -29.39 8.77
CA HIS B 26 1.31 -28.21 9.51
C HIS B 26 0.31 -27.61 10.48
N LYS B 27 0.84 -26.96 11.52
CA LYS B 27 0.05 -26.30 12.55
C LYS B 27 -0.53 -25.00 12.00
N LYS B 28 -1.69 -24.56 12.51
CA LYS B 28 -2.29 -23.30 12.06
C LYS B 28 -1.36 -22.10 12.25
N GLU B 29 -0.64 -22.03 13.39
CA GLU B 29 0.29 -20.93 13.69
C GLU B 29 1.45 -20.87 12.70
N VAL B 30 1.90 -22.04 12.22
CA VAL B 30 2.97 -22.11 11.24
C VAL B 30 2.43 -21.59 9.92
N MET B 31 1.24 -22.05 9.50
CA MET B 31 0.58 -21.61 8.27
C MET B 31 0.34 -20.08 8.29
N LYS B 32 -0.10 -19.54 9.43
CA LYS B 32 -0.37 -18.13 9.58
C LYS B 32 0.93 -17.31 9.51
N GLN B 33 1.99 -17.78 10.15
CA GLN B 33 3.30 -17.11 10.11
C GLN B 33 3.84 -17.12 8.68
N GLN B 34 3.69 -18.28 8.01
CA GLN B 34 4.18 -18.51 6.66
C GLN B 34 3.52 -17.68 5.63
N ASP B 35 2.22 -17.47 5.77
CA ASP B 35 1.47 -16.66 4.81
C ASP B 35 2.03 -15.22 4.73
N VAL B 36 2.35 -14.61 5.90
CA VAL B 36 2.88 -13.24 6.00
C VAL B 36 4.35 -13.18 5.48
N ILE B 37 5.13 -14.25 5.69
CA ILE B 37 6.49 -14.31 5.15
C ILE B 37 6.39 -14.39 3.62
N TYR B 38 5.43 -15.21 3.11
CA TYR B 38 5.13 -15.36 1.69
C TYR B 38 4.71 -14.04 1.09
N GLU B 39 3.89 -13.27 1.80
CA GLU B 39 3.44 -11.96 1.34
C GLU B 39 4.61 -10.99 1.31
N LEU B 40 5.51 -11.05 2.29
CA LEU B 40 6.69 -10.18 2.31
C LEU B 40 7.53 -10.40 1.04
N ILE B 41 7.80 -11.67 0.71
CA ILE B 41 8.56 -11.98 -0.49
C ILE B 41 7.79 -11.65 -1.74
N GLN B 42 6.48 -11.90 -1.75
CA GLN B 42 5.63 -11.62 -2.91
C GLN B 42 5.66 -10.13 -3.27
N THR B 43 5.27 -9.24 -2.32
CA THR B 43 5.25 -7.78 -2.48
C THR B 43 6.65 -7.21 -2.74
N GLU B 44 7.73 -7.87 -2.24
CA GLU B 44 9.11 -7.44 -2.54
C GLU B 44 9.48 -7.78 -3.98
N LEU B 45 8.97 -8.90 -4.49
CA LEU B 45 9.14 -9.31 -5.88
C LEU B 45 8.43 -8.31 -6.81
N HIS B 46 7.21 -7.89 -6.41
CA HIS B 46 6.43 -6.91 -7.18
C HIS B 46 7.10 -5.53 -7.12
N HIS B 47 7.87 -5.22 -6.04
CA HIS B 47 8.55 -3.97 -5.85
C HIS B 47 9.73 -3.82 -6.80
N VAL B 48 10.56 -4.87 -6.89
CA VAL B 48 11.68 -4.93 -7.81
C VAL B 48 11.17 -4.86 -9.27
N ARG B 49 10.00 -5.49 -9.56
CA ARG B 49 9.30 -5.50 -10.84
C ARG B 49 8.93 -4.08 -11.24
N THR B 50 8.35 -3.30 -10.30
CA THR B 50 8.01 -1.90 -10.47
C THR B 50 9.27 -1.11 -10.80
N LEU B 51 10.35 -1.33 -10.05
CA LEU B 51 11.60 -0.62 -10.28
C LEU B 51 12.22 -0.93 -11.63
N LYS B 52 12.03 -2.16 -12.15
CA LYS B 52 12.55 -2.50 -13.47
C LYS B 52 11.72 -1.80 -14.56
N ILE B 53 10.42 -1.61 -14.34
CA ILE B 53 9.57 -0.91 -15.31
C ILE B 53 10.06 0.55 -15.42
N MET B 54 10.40 1.18 -14.29
CA MET B 54 10.91 2.54 -14.31
C MET B 54 12.24 2.65 -15.03
N THR B 55 13.20 1.74 -14.78
CA THR B 55 14.53 1.84 -15.40
C THR B 55 14.62 1.35 -16.85
N ARG B 56 14.09 0.18 -17.16
CA ARG B 56 14.21 -0.38 -18.50
C ARG B 56 13.12 0.12 -19.43
N LEU B 57 11.88 0.12 -18.96
CA LEU B 57 10.75 0.51 -19.79
C LEU B 57 10.51 2.00 -19.93
N PHE B 58 10.73 2.78 -18.87
CA PHE B 58 10.47 4.21 -18.95
C PHE B 58 11.73 5.03 -19.18
N ARG B 59 12.73 4.90 -18.30
CA ARG B 59 13.99 5.65 -18.35
C ARG B 59 14.87 5.32 -19.55
N THR B 60 15.16 4.04 -19.78
CA THR B 60 15.98 3.59 -20.90
C THR B 60 15.29 3.96 -22.24
N GLY B 61 13.97 3.80 -22.30
CA GLY B 61 13.18 4.13 -23.47
C GLY B 61 13.26 5.59 -23.83
N MET B 62 13.19 6.48 -22.83
CA MET B 62 13.27 7.93 -23.04
C MET B 62 14.64 8.36 -23.56
N LEU B 63 15.69 7.64 -23.19
CA LEU B 63 17.03 7.91 -23.67
C LEU B 63 17.21 7.41 -25.10
N GLU B 64 16.60 6.26 -25.43
CA GLU B 64 16.72 5.65 -26.75
C GLU B 64 15.78 6.19 -27.84
N GLU B 65 14.45 6.15 -27.64
CA GLU B 65 13.50 6.58 -28.67
C GLU B 65 13.27 8.08 -28.72
N LEU B 66 13.12 8.72 -27.56
CA LEU B 66 12.82 10.14 -27.51
C LEU B 66 13.99 11.06 -27.71
N HIS B 67 15.24 10.55 -27.56
CA HIS B 67 16.48 11.34 -27.64
C HIS B 67 16.37 12.66 -26.82
N LEU B 68 16.07 12.48 -25.52
CA LEU B 68 15.86 13.57 -24.56
C LEU B 68 17.05 13.71 -23.61
N GLU B 69 17.34 14.95 -23.15
CA GLU B 69 18.43 15.26 -22.23
C GLU B 69 18.51 14.31 -21.03
N PRO B 70 19.71 13.85 -20.67
CA PRO B 70 19.83 12.91 -19.53
C PRO B 70 19.52 13.52 -18.17
N GLY B 71 19.45 14.85 -18.09
CA GLY B 71 19.12 15.57 -16.87
C GLY B 71 17.63 15.56 -16.59
N VAL B 72 16.81 15.58 -17.65
CA VAL B 72 15.35 15.56 -17.50
C VAL B 72 14.87 14.15 -17.13
N VAL B 73 15.43 13.11 -17.76
CA VAL B 73 15.06 11.73 -17.41
C VAL B 73 15.55 11.39 -15.98
N GLN B 74 16.62 12.06 -15.51
CA GLN B 74 17.20 11.96 -14.18
C GLN B 74 16.27 12.61 -13.14
N GLY B 75 15.64 13.72 -13.51
CA GLY B 75 14.67 14.42 -12.68
C GLY B 75 13.32 13.74 -12.65
N LEU B 76 13.04 12.91 -13.67
CA LEU B 76 11.82 12.14 -13.80
C LEU B 76 11.94 10.83 -13.03
N PHE B 77 13.05 10.13 -13.16
CA PHE B 77 13.26 8.87 -12.45
C PHE B 77 14.51 9.01 -11.60
N PRO B 78 14.39 9.62 -10.42
CA PRO B 78 15.58 9.86 -9.60
C PRO B 78 16.01 8.68 -8.74
N CYS B 79 17.31 8.37 -8.76
CA CYS B 79 17.93 7.30 -7.96
C CYS B 79 17.36 5.90 -8.21
N VAL B 80 16.69 5.67 -9.35
CA VAL B 80 16.05 4.39 -9.66
C VAL B 80 17.05 3.25 -9.86
N ASP B 81 18.28 3.51 -10.35
CA ASP B 81 19.27 2.45 -10.50
C ASP B 81 19.76 2.04 -9.11
N GLU B 82 20.00 3.02 -8.23
CA GLU B 82 20.43 2.74 -6.87
C GLU B 82 19.33 2.00 -6.12
N LEU B 83 18.06 2.44 -6.25
CA LEU B 83 16.91 1.80 -5.62
C LEU B 83 16.70 0.37 -6.14
N SER B 84 16.93 0.17 -7.44
CA SER B 84 16.79 -1.15 -8.05
C SER B 84 17.90 -2.07 -7.57
N ASP B 85 19.11 -1.56 -7.31
CA ASP B 85 20.21 -2.41 -6.85
C ASP B 85 20.05 -2.78 -5.37
N ILE B 86 19.54 -1.84 -4.55
CA ILE B 86 19.29 -2.05 -3.12
C ILE B 86 18.21 -3.12 -2.93
N HIS B 87 17.09 -3.00 -3.66
CA HIS B 87 15.97 -3.90 -3.50
C HIS B 87 16.14 -5.24 -4.24
N THR B 88 16.82 -5.29 -5.41
CA THR B 88 17.05 -6.54 -6.13
C THR B 88 17.92 -7.45 -5.30
N ARG B 89 18.96 -6.88 -4.66
CA ARG B 89 19.84 -7.64 -3.78
C ARG B 89 19.05 -8.18 -2.60
N PHE B 90 18.15 -7.38 -2.02
CA PHE B 90 17.31 -7.82 -0.92
C PHE B 90 16.40 -8.97 -1.36
N LEU B 91 15.76 -8.85 -2.53
CA LEU B 91 14.89 -9.88 -3.09
C LEU B 91 15.67 -11.17 -3.34
N SER B 92 16.93 -11.06 -3.83
CA SER B 92 17.73 -12.24 -4.07
C SER B 92 18.01 -13.02 -2.76
N GLN B 93 18.18 -12.30 -1.65
CA GLN B 93 18.44 -12.94 -0.36
C GLN B 93 17.20 -13.61 0.20
N LEU B 94 16.04 -13.00 -0.03
CA LEU B 94 14.75 -13.54 0.39
C LEU B 94 14.39 -14.77 -0.46
N LEU B 95 14.72 -14.74 -1.76
CA LEU B 95 14.43 -15.83 -2.69
C LEU B 95 15.32 -17.03 -2.50
N GLU B 96 16.56 -16.82 -2.01
CA GLU B 96 17.51 -17.90 -1.73
C GLU B 96 17.23 -18.51 -0.36
N ARG B 97 16.72 -17.71 0.59
CA ARG B 97 16.27 -18.17 1.90
C ARG B 97 15.05 -19.12 1.70
N ARG B 98 14.20 -18.85 0.69
CA ARG B 98 13.06 -19.71 0.36
C ARG B 98 13.54 -21.00 -0.32
N ARG B 99 14.60 -20.92 -1.15
CA ARG B 99 15.13 -22.09 -1.86
C ARG B 99 15.81 -23.09 -0.94
N GLN B 100 16.48 -22.59 0.11
CA GLN B 100 17.14 -23.48 1.07
C GLN B 100 16.06 -24.28 1.82
N ALA B 101 14.92 -23.61 2.17
CA ALA B 101 13.78 -24.19 2.87
C ALA B 101 13.05 -25.29 2.10
N LEU B 102 13.19 -25.32 0.78
CA LEU B 102 12.52 -26.31 -0.07
C LEU B 102 12.86 -27.75 0.28
N CYS B 103 11.80 -28.56 0.47
CA CYS B 103 11.89 -30.00 0.73
C CYS B 103 12.60 -30.67 -0.43
N PRO B 104 13.43 -31.70 -0.16
CA PRO B 104 14.11 -32.37 -1.27
C PRO B 104 13.10 -33.06 -2.18
N GLY B 105 13.18 -32.75 -3.46
CA GLY B 105 12.27 -33.34 -4.45
C GLY B 105 11.05 -32.51 -4.76
N SER B 106 11.00 -31.27 -4.27
CA SER B 106 9.90 -30.36 -4.57
C SER B 106 10.41 -28.96 -4.83
N THR B 107 9.64 -28.20 -5.61
CA THR B 107 9.89 -26.80 -5.95
C THR B 107 8.84 -25.84 -5.33
N ARG B 108 7.75 -26.39 -4.73
CA ARG B 108 6.66 -25.61 -4.14
C ARG B 108 6.67 -25.64 -2.62
N ASN B 109 7.10 -26.76 -2.03
CA ASN B 109 7.01 -26.97 -0.59
C ASN B 109 8.19 -26.46 0.24
N PHE B 110 7.94 -25.47 1.08
CA PHE B 110 8.96 -24.89 1.95
C PHE B 110 8.36 -24.31 3.24
N VAL B 111 9.18 -24.19 4.29
CA VAL B 111 8.82 -23.56 5.55
C VAL B 111 10.06 -22.78 5.97
N ILE B 112 9.93 -21.45 6.11
CA ILE B 112 11.04 -20.59 6.51
C ILE B 112 11.05 -20.42 8.03
N HIS B 113 11.95 -21.15 8.71
CA HIS B 113 12.05 -21.09 10.17
C HIS B 113 12.84 -19.88 10.68
N ARG B 114 13.67 -19.27 9.82
CA ARG B 114 14.48 -18.10 10.16
C ARG B 114 14.32 -17.03 9.13
N LEU B 115 13.86 -15.85 9.51
CA LEU B 115 13.76 -14.72 8.59
C LEU B 115 14.45 -13.50 9.22
N GLY B 116 14.17 -13.26 10.50
CA GLY B 116 14.65 -12.14 11.28
C GLY B 116 16.09 -11.72 11.04
N ASP B 117 17.03 -12.68 11.04
CA ASP B 117 18.46 -12.44 10.82
C ASP B 117 18.70 -11.67 9.51
N LEU B 118 18.04 -12.13 8.44
CA LEU B 118 18.11 -11.61 7.08
C LEU B 118 17.64 -10.17 7.06
N LEU B 119 16.52 -9.89 7.77
CA LEU B 119 15.94 -8.56 7.87
C LEU B 119 16.87 -7.64 8.63
N ILE B 120 17.53 -8.14 9.71
CA ILE B 120 18.46 -7.33 10.51
C ILE B 120 19.63 -6.85 9.69
N SER B 121 20.22 -7.72 8.88
CA SER B 121 21.38 -7.33 8.05
C SER B 121 21.00 -6.29 6.99
N GLN B 122 19.76 -6.36 6.48
CA GLN B 122 19.26 -5.42 5.49
C GLN B 122 18.96 -4.07 6.15
N PHE B 123 18.39 -4.08 7.36
CA PHE B 123 18.01 -2.85 8.03
C PHE B 123 18.98 -2.40 9.11
N SER B 124 20.27 -2.73 8.95
CA SER B 124 21.34 -2.31 9.87
C SER B 124 22.67 -2.25 9.12
N GLY B 125 23.49 -1.29 9.48
CA GLY B 125 24.79 -1.12 8.85
C GLY B 125 24.72 -0.35 7.55
N PRO B 126 25.74 -0.50 6.69
CA PRO B 126 25.76 0.27 5.44
C PRO B 126 24.62 -0.01 4.46
N SER B 127 23.94 -1.18 4.58
CA SER B 127 22.77 -1.43 3.74
C SER B 127 21.64 -0.49 4.18
N ALA B 128 21.48 -0.26 5.49
CA ALA B 128 20.45 0.63 5.99
C ALA B 128 20.80 2.08 5.74
N GLU B 129 22.09 2.44 5.86
CA GLU B 129 22.51 3.82 5.61
C GLU B 129 22.27 4.17 4.13
N GLN B 130 22.52 3.22 3.22
CA GLN B 130 22.30 3.38 1.78
C GLN B 130 20.81 3.65 1.54
N MET B 131 19.92 2.90 2.24
CA MET B 131 18.47 3.03 2.14
C MET B 131 17.97 4.38 2.63
N CYS B 132 18.41 4.84 3.83
CA CYS B 132 18.02 6.13 4.40
C CYS B 132 18.39 7.27 3.46
N LYS B 133 19.65 7.32 3.02
CA LYS B 133 20.19 8.33 2.11
C LYS B 133 19.47 8.32 0.74
N THR B 134 19.13 7.13 0.21
CA THR B 134 18.50 7.02 -1.11
C THR B 134 17.02 7.39 -1.03
N TYR B 135 16.30 6.90 -0.01
CA TYR B 135 14.87 7.22 0.13
C TYR B 135 14.64 8.69 0.49
N SER B 136 15.56 9.30 1.25
CA SER B 136 15.47 10.72 1.55
C SER B 136 15.67 11.55 0.28
N GLU B 137 16.49 11.07 -0.65
CA GLU B 137 16.72 11.73 -1.91
C GLU B 137 15.50 11.52 -2.82
N PHE B 138 14.98 10.28 -2.87
CA PHE B 138 13.83 9.98 -3.71
C PHE B 138 12.56 10.74 -3.29
N CYS B 139 12.21 10.72 -2.00
CA CYS B 139 11.00 11.37 -1.52
C CYS B 139 11.03 12.89 -1.61
N SER B 140 12.22 13.48 -1.64
CA SER B 140 12.37 14.92 -1.81
C SER B 140 12.15 15.25 -3.29
N ARG B 141 12.73 14.43 -4.20
CA ARG B 141 12.58 14.65 -5.63
C ARG B 141 11.28 14.11 -6.23
N HIS B 142 10.47 13.41 -5.42
CA HIS B 142 9.18 12.83 -5.81
C HIS B 142 8.25 13.90 -6.34
N SER B 143 8.08 15.01 -5.59
CA SER B 143 7.18 16.08 -6.01
C SER B 143 7.64 16.81 -7.27
N LYS B 144 8.95 17.05 -7.41
CA LYS B 144 9.49 17.69 -8.61
C LYS B 144 9.26 16.75 -9.81
N ALA B 145 9.49 15.42 -9.63
CA ALA B 145 9.32 14.37 -10.65
C ALA B 145 7.89 14.30 -11.20
N LEU B 146 6.87 14.50 -10.34
CA LEU B 146 5.46 14.47 -10.76
C LEU B 146 5.09 15.72 -11.58
N LYS B 147 5.68 16.87 -11.24
CA LYS B 147 5.44 18.10 -11.99
C LYS B 147 6.16 18.03 -13.37
N LEU B 148 7.35 17.44 -13.39
CA LEU B 148 8.17 17.31 -14.58
C LEU B 148 7.54 16.39 -15.62
N TYR B 149 6.83 15.34 -15.17
CA TYR B 149 6.15 14.39 -16.08
C TYR B 149 4.98 15.06 -16.73
N LYS B 150 4.15 15.78 -15.94
CA LYS B 150 2.96 16.45 -16.44
C LYS B 150 3.31 17.53 -17.46
N GLU B 151 4.33 18.36 -17.19
CA GLU B 151 4.74 19.40 -18.13
C GLU B 151 5.21 18.80 -19.43
N LEU B 152 5.87 17.65 -19.40
CA LEU B 152 6.35 16.99 -20.62
C LEU B 152 5.22 16.31 -21.42
N TYR B 153 4.26 15.67 -20.73
CA TYR B 153 3.14 14.98 -21.38
C TYR B 153 2.16 15.97 -21.99
N ALA B 154 1.97 17.13 -21.36
CA ALA B 154 1.06 18.15 -21.84
C ALA B 154 1.83 19.35 -22.42
N ARG B 155 2.74 19.07 -23.36
CA ARG B 155 3.56 20.10 -24.02
C ARG B 155 4.25 19.54 -25.25
N ASP B 156 4.75 18.30 -25.15
CA ASP B 156 5.47 17.62 -26.22
C ASP B 156 4.66 16.41 -26.64
N LYS B 157 4.33 16.29 -27.93
CA LYS B 157 3.55 15.15 -28.41
C LYS B 157 4.37 13.88 -28.59
N ARG B 158 5.71 14.00 -28.72
CA ARG B 158 6.60 12.85 -28.85
C ARG B 158 6.57 12.03 -27.56
N PHE B 159 6.61 12.73 -26.40
CA PHE B 159 6.55 12.15 -25.05
C PHE B 159 5.12 11.65 -24.81
N GLN B 160 4.11 12.44 -25.20
CA GLN B 160 2.69 12.07 -25.09
C GLN B 160 2.42 10.74 -25.82
N GLN B 161 3.13 10.50 -26.93
CA GLN B 161 3.00 9.29 -27.73
C GLN B 161 3.76 8.14 -27.10
N PHE B 162 5.00 8.40 -26.64
CA PHE B 162 5.86 7.41 -25.98
C PHE B 162 5.16 6.82 -24.77
N ILE B 163 4.59 7.70 -23.91
CA ILE B 163 3.85 7.29 -22.73
C ILE B 163 2.70 6.35 -23.08
N ARG B 164 1.81 6.79 -23.99
CA ARG B 164 0.68 5.98 -24.45
C ARG B 164 1.13 4.63 -25.01
N LYS B 165 2.22 4.62 -25.79
CA LYS B 165 2.79 3.44 -26.42
C LYS B 165 3.33 2.39 -25.43
N VAL B 166 4.18 2.82 -24.46
CA VAL B 166 4.78 1.90 -23.48
C VAL B 166 3.83 1.53 -22.35
N THR B 167 2.79 2.34 -22.09
CA THR B 167 1.80 2.00 -21.06
C THR B 167 0.55 1.29 -21.63
N ARG B 168 0.56 0.95 -22.94
CA ARG B 168 -0.53 0.23 -23.58
C ARG B 168 -0.69 -1.21 -23.08
N PRO B 169 0.39 -2.00 -22.84
CA PRO B 169 0.20 -3.36 -22.31
C PRO B 169 -0.66 -3.39 -21.03
N ALA B 170 -1.62 -4.32 -21.00
CA ALA B 170 -2.60 -4.49 -19.94
C ALA B 170 -2.00 -4.50 -18.54
N VAL B 171 -0.83 -5.16 -18.40
CA VAL B 171 -0.07 -5.28 -17.15
C VAL B 171 0.37 -3.92 -16.56
N LEU B 172 0.63 -2.92 -17.43
CA LEU B 172 1.04 -1.59 -16.96
C LEU B 172 -0.18 -0.69 -16.75
N LYS B 173 -1.33 -1.27 -16.33
CA LYS B 173 -2.54 -0.49 -16.09
C LYS B 173 -2.33 0.29 -14.80
N ARG B 174 -1.88 -0.39 -13.74
CA ARG B 174 -1.60 0.27 -12.47
C ARG B 174 -0.13 0.68 -12.30
N HIS B 175 0.65 0.66 -13.39
CA HIS B 175 2.06 1.00 -13.35
C HIS B 175 2.51 2.05 -14.36
N GLY B 176 1.70 3.09 -14.53
CA GLY B 176 2.11 4.23 -15.35
C GLY B 176 3.22 4.99 -14.66
N VAL B 177 3.85 5.99 -15.31
CA VAL B 177 4.96 6.74 -14.71
C VAL B 177 4.67 7.25 -13.28
N GLN B 178 3.53 7.96 -13.11
CA GLN B 178 3.15 8.51 -11.81
C GLN B 178 2.86 7.46 -10.73
N GLU B 179 2.15 6.39 -11.08
CA GLU B 179 1.81 5.37 -10.10
C GLU B 179 3.07 4.66 -9.60
N CYS B 180 4.08 4.45 -10.46
CA CYS B 180 5.35 3.84 -10.06
C CYS B 180 6.02 4.72 -8.98
N ILE B 181 6.13 6.02 -9.23
CA ILE B 181 6.75 6.94 -8.29
C ILE B 181 6.07 6.87 -6.89
N LEU B 182 4.73 6.71 -6.84
CA LEU B 182 4.04 6.58 -5.56
C LEU B 182 4.21 5.18 -4.96
N LEU B 183 4.16 4.13 -5.77
CA LEU B 183 4.32 2.76 -5.27
C LEU B 183 5.65 2.59 -4.53
N VAL B 184 6.71 3.23 -5.05
CA VAL B 184 8.05 3.18 -4.48
C VAL B 184 8.07 3.93 -3.14
N THR B 185 7.49 5.15 -3.13
CA THR B 185 7.43 5.99 -1.94
C THR B 185 6.66 5.27 -0.81
N GLN B 186 5.58 4.55 -1.17
CA GLN B 186 4.74 3.81 -0.22
C GLN B 186 5.34 2.48 0.25
N ARG B 187 6.33 1.94 -0.47
CA ARG B 187 6.95 0.66 -0.14
C ARG B 187 7.61 0.61 1.23
N ILE B 188 8.46 1.58 1.58
CA ILE B 188 9.14 1.57 2.89
C ILE B 188 8.18 1.52 4.09
N THR B 189 7.01 2.17 4.01
CA THR B 189 6.06 2.11 5.12
C THR B 189 5.36 0.74 5.28
N LYS B 190 5.46 -0.15 4.27
CA LYS B 190 4.84 -1.47 4.31
C LYS B 190 5.61 -2.48 5.15
N TYR B 191 6.92 -2.26 5.34
CA TYR B 191 7.73 -3.21 6.11
C TYR B 191 7.33 -3.33 7.56
N PRO B 192 7.16 -2.23 8.36
CA PRO B 192 6.76 -2.42 9.76
C PRO B 192 5.43 -3.13 9.94
N LEU B 193 4.50 -2.93 8.99
CA LEU B 193 3.21 -3.61 9.03
C LEU B 193 3.39 -5.10 8.75
N LEU B 194 4.27 -5.45 7.79
CA LEU B 194 4.55 -6.82 7.42
C LEU B 194 5.32 -7.55 8.52
N ILE B 195 6.41 -6.96 9.05
CA ILE B 195 7.21 -7.57 10.10
C ILE B 195 6.43 -7.75 11.42
N SER B 196 5.53 -6.81 11.70
CA SER B 196 4.72 -6.88 12.90
C SER B 196 3.78 -8.09 12.85
N ARG B 197 3.22 -8.40 11.67
CA ARG B 197 2.32 -9.54 11.55
C ARG B 197 3.06 -10.89 11.59
N ILE B 198 4.31 -10.92 11.13
CA ILE B 198 5.12 -12.15 11.19
C ILE B 198 5.45 -12.42 12.66
N LEU B 199 5.92 -11.36 13.37
CA LEU B 199 6.27 -11.39 14.78
C LEU B 199 5.09 -11.87 15.65
N GLN B 200 3.86 -11.52 15.25
CA GLN B 200 2.66 -11.95 15.95
C GLN B 200 2.57 -13.51 16.02
N HIS B 201 2.96 -14.20 14.94
CA HIS B 201 2.90 -15.67 14.91
C HIS B 201 4.30 -16.34 14.94
N SER B 202 5.28 -15.74 15.64
CA SER B 202 6.62 -16.31 15.71
C SER B 202 7.20 -16.37 17.14
N HIS B 203 6.47 -17.00 18.06
CA HIS B 203 6.94 -17.14 19.44
C HIS B 203 7.42 -18.58 19.79
N GLY B 204 7.37 -19.50 18.83
CA GLY B 204 7.80 -20.89 19.04
C GLY B 204 9.28 -21.07 19.27
N ILE B 205 10.07 -20.05 18.94
CA ILE B 205 11.51 -19.97 19.13
C ILE B 205 11.76 -18.56 19.69
N GLU B 206 12.54 -18.44 20.77
CA GLU B 206 12.78 -17.13 21.38
C GLU B 206 13.74 -16.25 20.57
N GLU B 207 14.86 -16.81 20.07
CA GLU B 207 15.83 -16.06 19.28
C GLU B 207 15.23 -15.49 17.99
N GLU B 208 14.19 -16.13 17.44
CA GLU B 208 13.51 -15.61 16.26
C GLU B 208 12.60 -14.42 16.63
N ARG B 209 11.91 -14.50 17.77
CA ARG B 209 11.06 -13.41 18.23
C ARG B 209 11.92 -12.17 18.54
N GLN B 210 13.12 -12.37 19.10
CA GLN B 210 14.03 -11.27 19.40
C GLN B 210 14.69 -10.71 18.13
N ASP B 211 14.87 -11.55 17.09
CA ASP B 211 15.46 -11.10 15.83
C ASP B 211 14.45 -10.22 15.10
N LEU B 212 13.20 -10.69 14.99
CA LEU B 212 12.14 -9.94 14.34
C LEU B 212 11.78 -8.66 15.11
N THR B 213 11.98 -8.64 16.44
CA THR B 213 11.72 -7.45 17.25
C THR B 213 12.79 -6.39 16.97
N THR B 214 14.06 -6.84 16.82
CA THR B 214 15.15 -5.92 16.54
C THR B 214 15.07 -5.40 15.11
N ALA B 215 14.67 -6.26 14.16
CA ALA B 215 14.50 -5.84 12.77
C ALA B 215 13.36 -4.82 12.70
N LEU B 216 12.23 -5.07 13.40
CA LEU B 216 11.08 -4.15 13.44
C LEU B 216 11.49 -2.78 13.99
N GLY B 217 12.29 -2.77 15.05
CA GLY B 217 12.78 -1.54 15.64
C GLY B 217 13.69 -0.77 14.69
N LEU B 218 14.53 -1.51 13.93
CA LEU B 218 15.42 -0.97 12.92
C LEU B 218 14.65 -0.36 11.74
N VAL B 219 13.58 -1.01 11.21
CA VAL B 219 12.78 -0.44 10.11
C VAL B 219 12.11 0.85 10.57
N LYS B 220 11.49 0.85 11.79
CA LYS B 220 10.86 2.05 12.34
C LYS B 220 11.91 3.18 12.49
N GLU B 221 13.14 2.81 12.90
CA GLU B 221 14.21 3.80 13.05
C GLU B 221 14.58 4.35 11.67
N LEU B 222 14.71 3.48 10.65
CA LEU B 222 15.03 3.87 9.27
C LEU B 222 13.96 4.82 8.75
N LEU B 223 12.69 4.48 8.97
CA LEU B 223 11.58 5.29 8.54
C LEU B 223 11.60 6.64 9.21
N SER B 224 11.76 6.69 10.54
CA SER B 224 11.82 7.95 11.29
C SER B 224 12.95 8.84 10.79
N ASN B 225 14.06 8.25 10.37
CA ASN B 225 15.20 9.01 9.86
C ASN B 225 14.91 9.55 8.45
N VAL B 226 14.31 8.72 7.57
CA VAL B 226 13.96 9.13 6.20
C VAL B 226 12.98 10.29 6.25
N ASP B 227 11.92 10.15 7.06
CA ASP B 227 10.89 11.15 7.26
C ASP B 227 11.48 12.49 7.70
N GLU B 228 12.45 12.48 8.63
CA GLU B 228 13.07 13.70 9.10
C GLU B 228 13.87 14.43 8.00
N GLY B 229 14.56 13.67 7.16
CA GLY B 229 15.38 14.25 6.10
C GLY B 229 14.68 14.51 4.78
N ILE B 230 13.36 14.72 4.81
CA ILE B 230 12.61 15.00 3.59
C ILE B 230 12.28 16.49 3.51
N TYR B 231 12.72 17.13 2.42
CA TYR B 231 12.41 18.51 2.14
C TYR B 231 11.83 18.53 0.73
N GLN B 232 10.61 19.05 0.54
CA GLN B 232 9.98 19.07 -0.79
C GLN B 232 10.60 20.08 -1.76
N LEU B 233 10.96 19.60 -2.96
CA LEU B 233 11.59 20.40 -4.02
C LEU B 233 10.57 20.75 -5.13
N GLU B 234 10.83 21.85 -5.88
CA GLU B 234 9.96 22.23 -6.99
C GLU B 234 10.78 22.39 -8.27
S DMS C . -26.27 6.97 6.14
O DMS C . -26.28 8.35 6.72
C1 DMS C . -27.67 6.84 4.99
C2 DMS C . -26.95 5.79 7.33
C FMT D . -27.64 15.46 8.17
O1 FMT D . -27.87 16.52 7.62
O2 FMT D . -28.52 14.42 8.16
C FMT E . -3.04 11.45 11.38
O1 FMT E . -1.88 11.07 11.44
O2 FMT E . -3.44 12.66 11.80
C FMT F . 2.82 18.14 -1.03
O1 FMT F . 2.41 17.02 -1.35
O2 FMT F . 4.05 18.40 -0.54
C01 ZDL G . 20.96 7.69 -4.32
N02 ZDL G . 21.24 8.66 -5.37
C03 ZDL G . 22.38 9.29 -5.46
C04 ZDL G . 22.08 10.61 -5.53
N05 ZDL G . 20.87 10.69 -6.06
C06 ZDL G . 20.35 11.82 -6.82
C07 ZDL G . 20.31 9.46 -5.95
S DMS H . 6.07 -19.97 15.24
O DMS H . 5.51 -20.09 16.63
C1 DMS H . 5.68 -21.51 14.36
C2 DMS H . 7.87 -20.23 15.33
C FMT I . 15.81 -21.79 7.09
O1 FMT I . 16.07 -22.10 5.93
O2 FMT I . 14.55 -21.60 7.57
#